data_3H7W
#
_entry.id   3H7W
#
_cell.length_a   73.890
_cell.length_b   82.727
_cell.length_c   41.158
_cell.angle_alpha   90.00
_cell.angle_beta   106.48
_cell.angle_gamma   90.00
#
_symmetry.space_group_name_H-M   'C 1 2 1'
#
loop_
_entity.id
_entity.type
_entity.pdbx_description
1 polymer 'Endothelial PAS domain-containing protein 1'
2 polymer 'Aryl hydrocarbon receptor nuclear translocator'
3 non-polymer 2-nitro-N-(thiophen-3-ylmethyl)-4-(trifluoromethyl)aniline
4 water water
#
loop_
_entity_poly.entity_id
_entity_poly.type
_entity_poly.pdbx_seq_one_letter_code
_entity_poly.pdbx_strand_id
1 'polypeptide(L)'
;GEFKGLDSKTFLSEHSMDMKFTYCDDRITELIGYHPEELLGRSAYEFYHALDSENMTKSHQNLCTKGQVVSGQYRMLAKH
GGYVWLETQGTVIYNPRNLQPQCIMCVNYVLSEIEKN
;
A
2 'polypeptide(L)'
;GEFKGLNVCQPTRFISRHNIEGIFTFVDHRCVATVGYQPQELLGKNIVEFCHPEDQQLLRDSFQQVVKLKGQVLSVMFRF
RSKNQEWLWMRTSSFTFQNPYSDEIEYIICTNTNVKNSSQE
;
B
#
# COMPACT_ATOMS: atom_id res chain seq x y z
N PHE A 3 23.09 9.85 -5.28
CA PHE A 3 22.33 8.75 -5.96
C PHE A 3 21.70 7.75 -4.97
N LYS A 4 20.42 7.50 -5.15
CA LYS A 4 19.66 6.62 -4.30
C LYS A 4 19.10 5.41 -5.06
N GLY A 5 19.11 4.24 -4.41
CA GLY A 5 18.46 3.04 -4.97
C GLY A 5 16.94 3.20 -5.08
N LEU A 6 16.28 2.32 -5.85
CA LEU A 6 14.83 2.40 -6.08
C LEU A 6 14.00 2.33 -4.82
N ASP A 7 14.32 1.36 -3.95
CA ASP A 7 13.53 1.14 -2.72
C ASP A 7 13.50 2.41 -1.88
N SER A 8 14.62 3.14 -1.87
N SER A 8 14.61 3.15 -1.84
CA SER A 8 14.78 4.34 -1.02
CA SER A 8 14.70 4.33 -0.98
C SER A 8 14.07 5.58 -1.53
C SER A 8 13.81 5.47 -1.44
N LYS A 9 13.51 5.49 -2.75
CA LYS A 9 12.80 6.59 -3.38
C LYS A 9 11.31 6.35 -3.52
N THR A 10 10.83 5.24 -2.95
CA THR A 10 9.41 4.92 -3.00
C THR A 10 8.86 4.93 -1.58
N PHE A 11 7.62 5.43 -1.41
CA PHE A 11 6.92 5.27 -0.13
C PHE A 11 5.47 4.97 -0.38
N LEU A 12 4.90 4.13 0.51
CA LEU A 12 3.49 3.76 0.43
C LEU A 12 2.67 4.67 1.32
N SER A 13 1.52 5.09 0.83
CA SER A 13 0.57 5.72 1.73
C SER A 13 -0.84 5.15 1.56
N GLU A 14 -1.66 5.33 2.59
CA GLU A 14 -3.07 4.99 2.54
C GLU A 14 -3.87 6.23 2.85
N HIS A 15 -5.04 6.33 2.23
CA HIS A 15 -5.92 7.48 2.40
C HIS A 15 -7.36 7.09 2.56
N SER A 16 -8.12 7.94 3.26
CA SER A 16 -9.60 7.78 3.20
C SER A 16 -10.06 8.35 1.84
N MET A 17 -11.34 8.18 1.52
CA MET A 17 -11.81 8.54 0.19
C MET A 17 -11.68 10.04 -0.12
N ASP A 18 -11.58 10.83 0.96
CA ASP A 18 -11.35 12.28 0.88
C ASP A 18 -9.88 12.70 0.71
N MET A 19 -9.01 11.70 0.49
CA MET A 19 -7.54 11.87 0.36
C MET A 19 -6.82 12.19 1.69
N LYS A 20 -7.54 12.14 2.82
CA LYS A 20 -6.84 12.33 4.10
C LYS A 20 -5.88 11.14 4.32
N PHE A 21 -4.62 11.42 4.65
CA PHE A 21 -3.70 10.33 5.04
C PHE A 21 -4.23 9.54 6.23
N THR A 22 -4.24 8.21 6.08
CA THR A 22 -4.51 7.32 7.21
C THR A 22 -3.27 6.47 7.58
N TYR A 23 -2.29 6.44 6.69
CA TYR A 23 -1.05 5.71 6.93
C TYR A 23 0.02 6.25 5.95
N CYS A 24 1.27 6.29 6.38
CA CYS A 24 2.38 6.61 5.48
C CYS A 24 3.64 5.90 5.98
N ASP A 25 4.37 5.23 5.09
CA ASP A 25 5.56 4.53 5.57
C ASP A 25 6.70 5.53 5.80
N ASP A 26 7.65 5.14 6.65
CA ASP A 26 8.67 6.08 7.13
C ASP A 26 9.69 6.52 6.09
N ARG A 27 9.69 5.86 4.94
CA ARG A 27 10.56 6.27 3.83
C ARG A 27 10.37 7.73 3.41
N ILE A 28 9.20 8.31 3.70
CA ILE A 28 8.91 9.69 3.34
C ILE A 28 9.83 10.67 4.07
N THR A 29 10.20 10.32 5.31
CA THR A 29 10.99 11.24 6.15
C THR A 29 12.32 11.65 5.52
N GLU A 30 13.12 10.67 5.07
CA GLU A 30 14.40 10.99 4.42
C GLU A 30 14.19 11.75 3.12
N LEU A 31 13.07 11.51 2.46
CA LEU A 31 12.80 12.04 1.13
C LEU A 31 12.26 13.44 1.16
N ILE A 32 11.28 13.68 2.03
CA ILE A 32 10.47 14.92 1.99
C ILE A 32 10.45 15.64 3.33
N GLY A 33 10.87 14.95 4.39
CA GLY A 33 11.05 15.57 5.69
C GLY A 33 10.00 15.25 6.73
N TYR A 34 8.80 14.87 6.28
CA TYR A 34 7.68 14.64 7.18
C TYR A 34 7.81 13.37 7.99
N HIS A 35 7.34 13.44 9.24
CA HIS A 35 7.06 12.25 10.01
C HIS A 35 5.67 11.73 9.65
N PRO A 36 5.53 10.42 9.44
CA PRO A 36 4.18 9.95 9.08
C PRO A 36 3.07 10.42 10.04
N GLU A 37 3.32 10.38 11.34
CA GLU A 37 2.29 10.78 12.29
C GLU A 37 1.77 12.22 12.07
N GLU A 38 2.61 13.13 11.55
CA GLU A 38 2.16 14.51 11.33
C GLU A 38 1.31 14.69 10.07
N LEU A 39 1.26 13.64 9.25
CA LEU A 39 0.47 13.66 8.01
C LEU A 39 -0.95 13.16 8.23
N LEU A 40 -1.14 12.31 9.24
CA LEU A 40 -2.43 11.65 9.41
C LEU A 40 -3.51 12.67 9.64
N GLY A 41 -4.65 12.46 9.00
CA GLY A 41 -5.81 13.31 9.08
C GLY A 41 -5.78 14.55 8.21
N ARG A 42 -4.68 14.73 7.49
CA ARG A 42 -4.52 15.87 6.60
C ARG A 42 -4.73 15.41 5.18
N SER A 43 -5.54 16.16 4.44
CA SER A 43 -5.76 15.85 3.04
C SER A 43 -4.50 15.97 2.18
N ALA A 44 -4.32 15.02 1.27
CA ALA A 44 -3.22 15.13 0.31
C ALA A 44 -3.23 16.47 -0.42
N TYR A 45 -4.43 16.99 -0.69
CA TYR A 45 -4.56 18.28 -1.37
C TYR A 45 -3.79 19.42 -0.68
N GLU A 46 -3.57 19.33 0.64
CA GLU A 46 -2.85 20.40 1.34
C GLU A 46 -1.41 20.51 0.89
N PHE A 47 -0.93 19.45 0.21
CA PHE A 47 0.48 19.34 -0.13
C PHE A 47 0.83 19.52 -1.59
N TYR A 48 -0.18 19.61 -2.45
CA TYR A 48 0.08 19.76 -3.88
C TYR A 48 0.45 21.20 -4.23
N HIS A 49 1.41 21.35 -5.14
CA HIS A 49 1.72 22.68 -5.69
C HIS A 49 0.49 23.29 -6.34
N ALA A 50 0.31 24.60 -6.18
CA ALA A 50 -0.80 25.30 -6.81
C ALA A 50 -0.95 24.95 -8.28
N LEU A 51 0.17 24.85 -9.00
CA LEU A 51 0.11 24.66 -10.44
C LEU A 51 -0.31 23.23 -10.87
N ASP A 52 -0.39 22.33 -9.87
CA ASP A 52 -0.79 20.95 -10.13
C ASP A 52 -2.16 20.62 -9.55
N SER A 53 -2.80 21.59 -8.90
CA SER A 53 -4.02 21.30 -8.14
C SER A 53 -5.19 20.86 -9.01
N GLU A 54 -5.45 21.60 -10.08
CA GLU A 54 -6.53 21.23 -10.99
C GLU A 54 -6.31 19.83 -11.61
N ASN A 55 -5.07 19.54 -12.02
CA ASN A 55 -4.75 18.21 -12.54
C ASN A 55 -4.89 17.06 -11.53
N MET A 56 -4.51 17.31 -10.29
CA MET A 56 -4.67 16.30 -9.25
C MET A 56 -6.14 16.05 -8.88
N THR A 57 -6.97 17.11 -8.95
CA THR A 57 -8.42 16.98 -8.78
C THR A 57 -8.98 16.04 -9.85
N LYS A 58 -8.55 16.21 -11.10
CA LYS A 58 -9.02 15.36 -12.21
C LYS A 58 -8.57 13.93 -12.03
N SER A 59 -7.31 13.74 -11.61
CA SER A 59 -6.81 12.38 -11.38
C SER A 59 -7.57 11.67 -10.26
N HIS A 60 -7.87 12.41 -9.18
CA HIS A 60 -8.71 11.88 -8.11
C HIS A 60 -10.07 11.43 -8.64
N GLN A 61 -10.66 12.25 -9.51
CA GLN A 61 -11.93 11.89 -10.14
C GLN A 61 -11.83 10.60 -10.93
N ASN A 62 -10.80 10.49 -11.77
CA ASN A 62 -10.52 9.26 -12.51
C ASN A 62 -10.33 8.04 -11.62
N LEU A 63 -9.57 8.21 -10.54
CA LEU A 63 -9.33 7.13 -9.58
C LEU A 63 -10.64 6.61 -8.98
N CYS A 64 -11.50 7.54 -8.57
CA CYS A 64 -12.78 7.15 -7.94
C CYS A 64 -13.72 6.49 -8.95
N THR A 65 -13.69 6.98 -10.18
CA THR A 65 -14.53 6.45 -11.26
C THR A 65 -14.07 5.06 -11.72
N LYS A 66 -12.77 4.90 -11.90
CA LYS A 66 -12.21 3.71 -12.55
C LYS A 66 -11.62 2.70 -11.55
N GLY A 67 -11.20 3.15 -10.39
CA GLY A 67 -10.72 2.25 -9.35
C GLY A 67 -9.20 2.23 -9.25
N GLN A 68 -8.56 2.76 -10.29
CA GLN A 68 -7.09 2.88 -10.36
C GLN A 68 -6.73 4.12 -11.18
N VAL A 69 -5.55 4.68 -10.94
CA VAL A 69 -5.03 5.81 -11.73
C VAL A 69 -3.53 5.89 -11.57
N VAL A 70 -2.84 6.37 -12.61
CA VAL A 70 -1.47 6.83 -12.49
C VAL A 70 -1.55 8.35 -12.64
N SER A 71 -1.07 9.06 -11.62
CA SER A 71 -1.07 10.51 -11.61
C SER A 71 -0.07 11.00 -12.68
N GLY A 72 -0.19 12.23 -13.11
CA GLY A 72 0.89 12.78 -13.91
C GLY A 72 2.06 13.06 -12.97
N GLN A 73 3.11 13.72 -13.47
CA GLN A 73 4.14 14.21 -12.56
C GLN A 73 3.55 15.39 -11.82
N TYR A 74 3.76 15.41 -10.51
CA TYR A 74 3.33 16.56 -9.72
C TYR A 74 4.34 16.91 -8.63
N ARG A 75 4.15 18.08 -8.02
CA ARG A 75 5.04 18.55 -6.97
C ARG A 75 4.37 18.48 -5.61
N MET A 76 5.07 17.87 -4.65
CA MET A 76 4.60 17.83 -3.26
C MET A 76 5.47 18.78 -2.43
N LEU A 77 4.79 19.65 -1.67
CA LEU A 77 5.39 20.55 -0.73
C LEU A 77 6.21 19.78 0.31
N ALA A 78 7.46 20.19 0.51
CA ALA A 78 8.36 19.50 1.46
C ALA A 78 8.28 20.12 2.83
N LYS A 79 8.71 19.40 3.84
CA LYS A 79 8.48 19.90 5.19
C LYS A 79 9.25 21.21 5.46
N HIS A 80 10.46 21.32 4.95
CA HIS A 80 11.30 22.49 5.31
C HIS A 80 11.42 23.48 4.16
N GLY A 81 10.45 23.42 3.26
CA GLY A 81 10.33 24.33 2.14
C GLY A 81 10.74 23.69 0.84
N GLY A 82 10.27 24.28 -0.25
CA GLY A 82 10.53 23.71 -1.54
C GLY A 82 9.58 22.55 -1.84
N TYR A 83 9.81 21.94 -3.00
CA TYR A 83 8.94 20.90 -3.53
C TYR A 83 9.74 19.75 -4.09
N VAL A 84 9.16 18.54 -4.01
CA VAL A 84 9.73 17.37 -4.64
C VAL A 84 8.75 16.92 -5.73
N TRP A 85 9.29 16.54 -6.89
CA TRP A 85 8.48 15.95 -7.94
C TRP A 85 8.23 14.48 -7.62
N LEU A 86 6.99 14.06 -7.84
CA LEU A 86 6.51 12.70 -7.56
C LEU A 86 5.65 12.17 -8.67
N GLU A 87 5.52 10.84 -8.73
CA GLU A 87 4.45 10.22 -9.48
C GLU A 87 3.83 9.18 -8.53
N THR A 88 2.51 9.03 -8.63
CA THR A 88 1.79 8.10 -7.78
C THR A 88 0.92 7.18 -8.59
N GLN A 89 0.98 5.88 -8.27
CA GLN A 89 -0.04 4.94 -8.71
C GLN A 89 -1.06 4.76 -7.56
N GLY A 90 -2.33 5.08 -7.81
CA GLY A 90 -3.40 4.98 -6.80
C GLY A 90 -4.36 3.85 -7.15
N THR A 91 -4.85 3.17 -6.12
CA THR A 91 -5.77 2.04 -6.26
C THR A 91 -6.84 2.11 -5.17
N VAL A 92 -8.11 2.07 -5.56
CA VAL A 92 -9.17 2.05 -4.56
C VAL A 92 -9.37 0.61 -4.08
N ILE A 93 -9.48 0.46 -2.77
CA ILE A 93 -9.78 -0.83 -2.12
C ILE A 93 -11.26 -0.84 -1.75
N TYR A 94 -12.00 -1.82 -2.29
CA TYR A 94 -13.45 -1.91 -2.14
C TYR A 94 -13.78 -3.12 -1.28
N PRO A 101 -16.33 1.73 -1.67
CA PRO A 101 -14.89 1.93 -1.46
C PRO A 101 -14.51 2.05 0.02
N GLN A 102 -13.39 1.42 0.42
CA GLN A 102 -12.87 1.42 1.81
C GLN A 102 -11.74 2.44 2.04
N CYS A 103 -10.81 2.51 1.10
CA CYS A 103 -9.65 3.42 1.21
C CYS A 103 -8.89 3.42 -0.09
N ILE A 104 -7.90 4.31 -0.19
CA ILE A 104 -7.07 4.44 -1.36
C ILE A 104 -5.66 4.07 -0.94
N MET A 105 -5.03 3.21 -1.73
CA MET A 105 -3.63 2.79 -1.54
C MET A 105 -2.80 3.44 -2.62
N CYS A 106 -1.76 4.14 -2.19
CA CYS A 106 -0.89 4.83 -3.09
C CYS A 106 0.53 4.31 -3.02
N VAL A 107 1.13 4.09 -4.21
CA VAL A 107 2.56 3.87 -4.32
C VAL A 107 3.16 5.13 -4.93
N ASN A 108 3.98 5.82 -4.14
CA ASN A 108 4.54 7.12 -4.47
C ASN A 108 6.03 6.99 -4.75
N TYR A 109 6.47 7.52 -5.87
CA TYR A 109 7.90 7.50 -6.21
C TYR A 109 8.42 8.87 -6.54
N VAL A 110 9.56 9.19 -5.95
CA VAL A 110 10.14 10.51 -6.03
C VAL A 110 10.93 10.59 -7.33
N LEU A 111 10.81 11.73 -8.03
CA LEU A 111 11.43 11.94 -9.34
C LEU A 111 12.52 13.03 -9.28
N SER A 112 12.70 13.65 -8.11
CA SER A 112 13.66 14.74 -7.97
C SER A 112 14.13 14.93 -6.53
N GLU A 113 15.20 15.71 -6.40
CA GLU A 113 15.63 16.21 -5.11
C GLU A 113 14.63 17.31 -4.72
N ILE A 114 14.67 17.72 -3.46
CA ILE A 114 13.90 18.89 -3.05
C ILE A 114 14.43 20.12 -3.82
N GLU A 115 13.50 20.87 -4.41
CA GLU A 115 13.85 22.07 -5.18
C GLU A 115 13.20 23.29 -4.52
N LYS A 116 13.98 24.32 -4.23
CA LYS A 116 13.49 25.49 -3.48
C LYS A 116 13.42 26.76 -4.33
N CYS B 9 -17.44 3.03 12.25
CA CYS B 9 -16.41 2.15 12.87
C CYS B 9 -15.34 1.74 11.87
N GLN B 10 -14.12 2.17 12.11
CA GLN B 10 -12.99 1.86 11.23
C GLN B 10 -12.72 0.34 11.26
N PRO B 11 -12.70 -0.30 10.08
CA PRO B 11 -12.24 -1.69 9.98
C PRO B 11 -10.81 -1.81 10.52
N THR B 12 -10.42 -2.98 11.00
CA THR B 12 -9.03 -3.13 11.44
C THR B 12 -8.25 -3.75 10.30
N ARG B 13 -7.21 -3.05 9.88
CA ARG B 13 -6.40 -3.47 8.72
C ARG B 13 -4.96 -3.02 8.80
N PHE B 14 -4.13 -3.69 8.01
CA PHE B 14 -2.74 -3.31 7.90
C PHE B 14 -2.26 -3.61 6.49
N ILE B 15 -1.28 -2.83 6.06
CA ILE B 15 -0.63 -3.04 4.78
C ILE B 15 0.60 -3.97 4.88
N SER B 16 0.84 -4.75 3.84
CA SER B 16 2.09 -5.51 3.78
C SER B 16 2.58 -5.50 2.34
N ARG B 17 3.89 -5.74 2.18
CA ARG B 17 4.49 -5.96 0.85
C ARG B 17 5.08 -7.34 0.86
N HIS B 18 4.99 -8.02 -0.29
CA HIS B 18 5.44 -9.43 -0.42
C HIS B 18 6.26 -9.59 -1.66
N ASN B 19 7.22 -10.50 -1.62
CA ASN B 19 7.77 -10.95 -2.89
C ASN B 19 6.76 -11.84 -3.61
N ILE B 20 7.06 -12.20 -4.86
CA ILE B 20 6.10 -12.93 -5.68
C ILE B 20 5.78 -14.33 -5.10
N GLU B 21 6.70 -14.85 -4.29
CA GLU B 21 6.55 -16.15 -3.60
C GLU B 21 5.57 -16.04 -2.42
N GLY B 22 5.38 -14.83 -1.92
CA GLY B 22 4.53 -14.62 -0.75
C GLY B 22 5.21 -14.21 0.54
N ILE B 23 6.55 -14.13 0.55
CA ILE B 23 7.27 -13.72 1.75
C ILE B 23 6.99 -12.25 2.14
N PHE B 24 6.61 -12.00 3.38
CA PHE B 24 6.51 -10.60 3.90
C PHE B 24 7.85 -9.89 3.78
N THR B 25 7.91 -8.78 3.04
CA THR B 25 9.13 -7.98 2.97
C THR B 25 8.93 -6.61 3.62
N PHE B 26 7.68 -6.23 3.86
CA PHE B 26 7.38 -5.05 4.66
C PHE B 26 6.06 -5.31 5.41
N VAL B 27 5.97 -4.80 6.63
CA VAL B 27 4.74 -4.96 7.42
C VAL B 27 4.45 -3.68 8.25
N ASP B 28 3.28 -3.10 8.02
CA ASP B 28 2.80 -1.91 8.69
C ASP B 28 2.48 -2.29 10.13
N HIS B 29 2.90 -1.46 11.11
CA HIS B 29 2.73 -1.74 12.56
C HIS B 29 1.28 -1.91 13.02
N ARG B 30 0.33 -1.50 12.18
CA ARG B 30 -1.09 -1.77 12.45
C ARG B 30 -1.40 -3.26 12.49
N CYS B 31 -0.43 -4.06 12.06
CA CYS B 31 -0.60 -5.51 12.21
C CYS B 31 -0.83 -5.97 13.66
N VAL B 32 -0.26 -5.23 14.62
CA VAL B 32 -0.32 -5.65 16.02
C VAL B 32 -1.78 -5.62 16.45
N ALA B 33 -2.48 -4.52 16.14
CA ALA B 33 -3.90 -4.42 16.43
C ALA B 33 -4.77 -5.38 15.60
N THR B 34 -4.33 -5.74 14.41
CA THR B 34 -5.17 -6.55 13.49
C THR B 34 -5.05 -8.04 13.81
N VAL B 35 -3.83 -8.54 13.96
CA VAL B 35 -3.60 -9.98 14.12
C VAL B 35 -2.70 -10.32 15.33
N GLY B 36 -2.15 -9.30 15.96
CA GLY B 36 -1.52 -9.47 17.27
C GLY B 36 -0.02 -9.68 17.31
N TYR B 37 0.58 -9.81 16.12
CA TYR B 37 2.02 -9.97 15.98
C TYR B 37 2.71 -8.64 15.79
N GLN B 38 3.96 -8.57 16.26
CA GLN B 38 4.86 -7.47 15.90
C GLN B 38 5.34 -7.69 14.45
N PRO B 39 5.67 -6.60 13.75
CA PRO B 39 6.16 -6.77 12.37
C PRO B 39 7.29 -7.78 12.23
N GLN B 40 8.19 -7.82 13.21
N GLN B 40 8.23 -7.84 13.17
CA GLN B 40 9.32 -8.76 13.22
CA GLN B 40 9.33 -8.80 13.01
C GLN B 40 8.88 -10.22 13.13
C GLN B 40 8.95 -10.28 13.30
N GLU B 41 7.71 -10.51 13.71
CA GLU B 41 7.17 -11.89 13.76
C GLU B 41 6.58 -12.35 12.41
N LEU B 42 6.38 -11.40 11.50
CA LEU B 42 5.83 -11.67 10.17
C LEU B 42 6.89 -11.58 9.09
N LEU B 43 7.76 -10.59 9.21
CA LEU B 43 8.81 -10.36 8.23
C LEU B 43 9.67 -11.61 8.00
N GLY B 44 9.87 -11.95 6.72
CA GLY B 44 10.66 -13.13 6.37
C GLY B 44 9.91 -14.43 6.21
N LYS B 45 8.65 -14.45 6.68
CA LYS B 45 7.82 -15.62 6.62
C LYS B 45 6.85 -15.48 5.47
N ASN B 46 6.45 -16.60 4.90
CA ASN B 46 5.44 -16.61 3.86
C ASN B 46 4.08 -16.37 4.50
N ILE B 47 3.28 -15.53 3.86
CA ILE B 47 1.89 -15.36 4.32
C ILE B 47 1.17 -16.71 4.53
N VAL B 48 1.51 -17.71 3.69
CA VAL B 48 0.83 -19.01 3.74
C VAL B 48 1.08 -19.69 5.09
N GLU B 49 2.19 -19.33 5.77
CA GLU B 49 2.53 -19.89 7.12
C GLU B 49 1.47 -19.52 8.19
N PHE B 50 0.73 -18.47 7.92
CA PHE B 50 -0.35 -17.96 8.79
C PHE B 50 -1.73 -18.35 8.36
N CYS B 51 -1.82 -19.14 7.31
CA CYS B 51 -3.09 -19.39 6.66
C CYS B 51 -3.67 -20.78 7.00
N HIS B 52 -4.98 -20.83 7.20
CA HIS B 52 -5.70 -22.07 7.53
C HIS B 52 -5.40 -23.13 6.46
N PRO B 53 -5.18 -24.37 6.88
CA PRO B 53 -4.88 -25.44 5.90
C PRO B 53 -5.86 -25.52 4.70
N GLU B 54 -7.15 -25.27 4.91
CA GLU B 54 -8.12 -25.38 3.85
C GLU B 54 -7.96 -24.27 2.82
N ASP B 55 -7.44 -23.13 3.28
CA ASP B 55 -7.26 -21.92 2.44
C ASP B 55 -5.88 -21.72 1.81
N GLN B 56 -4.86 -22.48 2.26
CA GLN B 56 -3.49 -22.27 1.82
C GLN B 56 -3.35 -22.32 0.31
N GLN B 57 -3.97 -23.32 -0.33
CA GLN B 57 -3.73 -23.43 -1.79
C GLN B 57 -4.37 -22.25 -2.51
N LEU B 58 -5.55 -21.85 -2.04
CA LEU B 58 -6.20 -20.66 -2.64
C LEU B 58 -5.29 -19.43 -2.51
N LEU B 59 -4.66 -19.27 -1.36
CA LEU B 59 -3.78 -18.13 -1.20
C LEU B 59 -2.54 -18.20 -2.12
N ARG B 60 -1.90 -19.37 -2.17
N ARG B 60 -1.93 -19.38 -2.18
CA ARG B 60 -0.78 -19.57 -3.10
CA ARG B 60 -0.80 -19.64 -3.08
C ARG B 60 -1.22 -19.18 -4.50
C ARG B 60 -1.16 -19.33 -4.54
N ASP B 61 -2.36 -19.74 -4.93
CA ASP B 61 -2.84 -19.52 -6.30
C ASP B 61 -3.20 -18.10 -6.59
N SER B 62 -3.64 -17.39 -5.54
CA SER B 62 -3.95 -15.97 -5.65
C SER B 62 -2.68 -15.17 -5.91
N PHE B 63 -1.63 -15.47 -5.14
CA PHE B 63 -0.34 -14.81 -5.30
C PHE B 63 0.24 -15.09 -6.69
N GLN B 64 0.06 -16.32 -7.17
CA GLN B 64 0.53 -16.71 -8.49
C GLN B 64 -0.21 -15.90 -9.55
N GLN B 65 -1.53 -15.68 -9.41
CA GLN B 65 -2.28 -15.01 -10.49
C GLN B 65 -2.16 -13.49 -10.49
N VAL B 66 -2.01 -12.90 -9.31
CA VAL B 66 -2.05 -11.43 -9.24
C VAL B 66 -0.99 -10.79 -10.17
N VAL B 67 0.13 -11.49 -10.38
CA VAL B 67 1.18 -10.96 -11.28
C VAL B 67 0.80 -11.00 -12.76
N LYS B 68 -0.24 -11.77 -13.09
CA LYS B 68 -0.71 -11.91 -14.49
C LYS B 68 -1.79 -10.89 -14.84
N LEU B 69 -2.31 -10.22 -13.83
CA LEU B 69 -3.51 -9.40 -14.03
C LEU B 69 -3.23 -7.93 -14.32
N LYS B 70 -2.03 -7.60 -14.79
CA LYS B 70 -1.76 -6.24 -15.31
C LYS B 70 -2.00 -5.19 -14.24
N GLY B 71 -1.60 -5.51 -13.02
CA GLY B 71 -1.64 -4.57 -11.94
C GLY B 71 -3.00 -4.28 -11.35
N GLN B 72 -4.05 -4.99 -11.81
CA GLN B 72 -5.42 -4.88 -11.26
C GLN B 72 -5.45 -5.59 -9.90
N VAL B 73 -6.45 -5.24 -9.09
CA VAL B 73 -6.56 -5.82 -7.73
C VAL B 73 -7.15 -7.23 -7.81
N LEU B 74 -6.51 -8.16 -7.12
CA LEU B 74 -7.08 -9.47 -6.84
C LEU B 74 -7.36 -9.58 -5.34
N SER B 75 -8.58 -10.01 -4.99
CA SER B 75 -9.05 -10.12 -3.61
CA SER B 75 -8.91 -10.13 -3.58
C SER B 75 -9.06 -11.60 -3.22
N VAL B 76 -8.82 -11.88 -1.94
CA VAL B 76 -8.95 -13.27 -1.47
C VAL B 76 -9.41 -13.20 -0.03
N MET B 77 -10.32 -14.11 0.35
CA MET B 77 -10.72 -14.26 1.75
CA MET B 77 -10.67 -14.25 1.76
C MET B 77 -10.01 -15.50 2.30
N PHE B 78 -9.48 -15.40 3.51
CA PHE B 78 -8.86 -16.57 4.13
C PHE B 78 -8.78 -16.41 5.63
N ARG B 79 -8.55 -17.53 6.30
CA ARG B 79 -8.46 -17.57 7.75
C ARG B 79 -6.99 -17.44 8.13
N PHE B 80 -6.73 -16.39 8.92
CA PHE B 80 -5.38 -16.00 9.39
C PHE B 80 -5.23 -16.35 10.88
N ARG B 81 -4.15 -17.06 11.22
CA ARG B 81 -3.91 -17.45 12.60
C ARG B 81 -3.36 -16.25 13.39
N SER B 82 -4.14 -15.79 14.36
CA SER B 82 -3.69 -14.67 15.20
C SER B 82 -2.59 -15.07 16.20
N LYS B 83 -2.02 -14.07 16.84
CA LYS B 83 -1.02 -14.31 17.89
C LYS B 83 -1.58 -15.23 19.01
N ASN B 84 -2.88 -15.16 19.25
CA ASN B 84 -3.58 -16.05 20.20
C ASN B 84 -3.97 -17.42 19.61
N GLN B 85 -3.42 -17.75 18.43
CA GLN B 85 -3.72 -19.03 17.73
C GLN B 85 -5.17 -19.24 17.34
N GLU B 86 -5.91 -18.13 17.15
CA GLU B 86 -7.29 -18.19 16.69
C GLU B 86 -7.43 -17.78 15.23
N TRP B 87 -8.35 -18.41 14.52
CA TRP B 87 -8.55 -18.16 13.08
C TRP B 87 -9.42 -16.92 12.90
N LEU B 88 -8.82 -15.89 12.31
CA LEU B 88 -9.53 -14.65 12.00
C LEU B 88 -9.74 -14.56 10.49
N TRP B 89 -10.95 -14.23 10.06
CA TRP B 89 -11.24 -14.05 8.63
C TRP B 89 -10.62 -12.75 8.16
N MET B 90 -9.80 -12.89 7.13
CA MET B 90 -9.14 -11.73 6.50
C MET B 90 -9.57 -11.60 5.05
N ARG B 91 -9.75 -10.35 4.58
CA ARG B 91 -9.90 -10.12 3.16
C ARG B 91 -8.64 -9.35 2.79
N THR B 92 -7.85 -9.96 1.93
CA THR B 92 -6.61 -9.37 1.46
C THR B 92 -6.84 -8.89 0.03
N SER B 93 -6.65 -7.60 -0.20
CA SER B 93 -6.75 -7.04 -1.56
C SER B 93 -5.31 -6.78 -2.01
N SER B 94 -4.92 -7.37 -3.14
N SER B 94 -4.93 -7.39 -3.13
CA SER B 94 -3.51 -7.39 -3.55
CA SER B 94 -3.53 -7.40 -3.58
C SER B 94 -3.31 -6.91 -4.98
C SER B 94 -3.39 -6.75 -4.95
N PHE B 95 -2.20 -6.21 -5.23
CA PHE B 95 -1.87 -5.80 -6.62
C PHE B 95 -0.37 -5.72 -6.79
N THR B 96 0.10 -5.84 -8.03
CA THR B 96 1.55 -5.77 -8.25
C THR B 96 2.02 -4.35 -8.47
N PHE B 97 3.27 -4.12 -8.14
CA PHE B 97 3.91 -2.87 -8.50
C PHE B 97 5.34 -3.15 -8.94
N GLN B 98 5.76 -2.40 -9.94
CA GLN B 98 7.19 -2.20 -10.15
CA GLN B 98 7.17 -2.26 -10.24
C GLN B 98 7.40 -0.84 -10.75
N ASN B 99 8.52 -0.26 -10.37
CA ASN B 99 8.85 1.11 -10.74
C ASN B 99 9.07 1.11 -12.24
N PRO B 100 8.28 1.91 -12.95
CA PRO B 100 8.25 1.89 -14.41
C PRO B 100 9.58 2.37 -15.04
N TYR B 101 10.37 3.09 -14.24
CA TYR B 101 11.74 3.50 -14.69
C TYR B 101 12.74 2.35 -14.61
N SER B 102 12.28 1.17 -14.17
CA SER B 102 13.20 0.06 -13.89
C SER B 102 12.67 -1.23 -14.51
N ASP B 103 13.51 -2.26 -14.53
CA ASP B 103 13.06 -3.61 -14.80
C ASP B 103 13.22 -4.51 -13.58
N GLU B 104 13.19 -3.94 -12.39
N GLU B 104 13.09 -3.90 -12.39
CA GLU B 104 13.29 -4.78 -11.20
CA GLU B 104 13.07 -4.62 -11.12
C GLU B 104 12.00 -5.57 -11.02
C GLU B 104 11.94 -5.64 -11.15
N ILE B 105 12.10 -6.74 -10.40
CA ILE B 105 11.01 -7.67 -10.33
C ILE B 105 9.85 -7.01 -9.57
N GLU B 106 8.64 -7.25 -10.09
CA GLU B 106 7.40 -6.83 -9.46
C GLU B 106 7.38 -7.36 -8.03
N TYR B 107 6.77 -6.59 -7.15
CA TYR B 107 6.38 -7.12 -5.83
C TYR B 107 4.90 -6.87 -5.64
N ILE B 108 4.37 -7.37 -4.53
CA ILE B 108 2.93 -7.37 -4.34
C ILE B 108 2.59 -6.54 -3.08
N ILE B 109 1.65 -5.63 -3.24
CA ILE B 109 1.15 -4.76 -2.18
CA ILE B 109 1.18 -4.82 -2.12
C ILE B 109 -0.20 -5.32 -1.75
N CYS B 110 -0.36 -5.58 -0.44
CA CYS B 110 -1.61 -6.11 0.13
C CYS B 110 -2.16 -5.15 1.17
N THR B 111 -3.48 -5.00 1.18
CA THR B 111 -4.15 -4.43 2.34
C THR B 111 -4.95 -5.62 2.92
N ASN B 112 -4.82 -5.81 4.22
CA ASN B 112 -5.33 -7.02 4.88
C ASN B 112 -6.33 -6.57 5.95
N THR B 113 -7.60 -6.90 5.78
CA THR B 113 -8.62 -6.38 6.72
C THR B 113 -9.32 -7.54 7.41
N ASN B 114 -9.51 -7.46 8.73
CA ASN B 114 -10.32 -8.47 9.45
C ASN B 114 -11.81 -8.23 9.11
N VAL B 115 -12.47 -9.23 8.53
CA VAL B 115 -13.83 -9.08 8.03
C VAL B 115 -14.71 -10.19 8.62
N LYS B 116 -16.03 -10.05 8.46
CA LYS B 116 -16.99 -11.08 8.88
C LYS B 116 -17.22 -12.10 7.76
N ASN B 117 -17.29 -13.38 8.15
CA ASN B 117 -17.85 -14.40 7.29
C ASN B 117 -19.30 -14.66 7.75
N SER B 118 -20.19 -13.92 7.10
N SER B 118 -20.26 -13.94 7.18
CA SER B 118 -21.64 -13.96 7.35
CA SER B 118 -21.64 -14.02 7.70
C SER B 118 -22.35 -13.57 6.06
C SER B 118 -22.70 -14.38 6.67
#